data_6ERJ
#
_entry.id   6ERJ
#
_cell.length_a   34.970
_cell.length_b   104.430
_cell.length_c   182.870
_cell.angle_alpha   90.000
_cell.angle_beta   90.000
_cell.angle_gamma   90.000
#
_symmetry.space_group_name_H-M   'C 2 2 21'
#
loop_
_entity.id
_entity.type
_entity.pdbx_description
1 polymer 'Type-1 fimbrial protein, a chain'
2 polymer 'Type-1 fimbrial protein, a chain'
3 non-polymer 'ACETIC ACID'
4 water water
#
loop_
_entity_poly.entity_id
_entity_poly.type
_entity_poly.pdbx_seq_one_letter_code
_entity_poly.pdbx_strand_id
1 'polypeptide(L)'
;MADPTPVSVSGGTIHFEGKLVNAACAVSTKSADQTVTLGQYRTASFTAIGDTTAQVPFSIVLNDCDPKVAATAAVAFSGQ
ADNTNTNLLAVSSADNSTTATGVGIEILDNTSSPLKPDGATFSAKQALVEGTNTLRFTARYKATAAATTPGQANADATFI
MKYE
;
B
2 'polypeptide(L)'
;MDPTPVSVSGGTIHFEGKLVNAACAVSTKSADQTVTLGQYRTASFTAIGDTTAQVPFSIVLNDCDPKVAATAAVAFSGQA
DNTNTNLLAVSSADNSTTATGVGIEILDNTSSPLKPDGATFSAKQALVEGTNTLRFTARYKATAAATTPGQANADATFIM
KYE
;
A
#
# COMPACT_ATOMS: atom_id res chain seq x y z
N THR A 5 -31.39 -15.72 -4.61
CA THR A 5 -30.42 -16.78 -4.33
C THR A 5 -29.36 -16.29 -3.36
N PRO A 6 -29.25 -16.93 -2.19
CA PRO A 6 -28.22 -16.50 -1.24
C PRO A 6 -26.84 -16.67 -1.84
N VAL A 7 -25.88 -15.96 -1.27
CA VAL A 7 -24.51 -16.03 -1.76
C VAL A 7 -23.65 -16.53 -0.62
N SER A 8 -22.64 -17.31 -0.99
CA SER A 8 -21.62 -17.81 -0.09
C SER A 8 -20.55 -16.73 0.08
N VAL A 9 -20.29 -16.36 1.33
CA VAL A 9 -19.42 -15.24 1.66
C VAL A 9 -18.39 -15.71 2.70
N SER A 10 -17.17 -15.18 2.58
CA SER A 10 -16.11 -15.32 3.57
C SER A 10 -15.73 -13.92 4.04
N GLY A 11 -15.55 -13.76 5.36
CA GLY A 11 -15.21 -12.46 5.91
C GLY A 11 -15.14 -12.54 7.42
N GLY A 12 -14.76 -11.43 8.04
CA GLY A 12 -14.58 -11.40 9.47
C GLY A 12 -13.69 -10.23 9.91
N THR A 13 -13.10 -10.39 11.09
CA THR A 13 -12.42 -9.31 11.77
C THR A 13 -11.14 -9.80 12.40
N ILE A 14 -10.20 -8.88 12.61
CA ILE A 14 -9.01 -9.19 13.39
C ILE A 14 -8.93 -8.23 14.58
N HIS A 15 -8.65 -8.78 15.75
CA HIS A 15 -8.54 -8.02 16.99
C HIS A 15 -7.09 -7.96 17.43
N PHE A 16 -6.62 -6.75 17.74
CA PHE A 16 -5.24 -6.49 18.12
C PHE A 16 -5.19 -5.98 19.56
N GLU A 17 -4.26 -6.50 20.36
CA GLU A 17 -3.94 -5.95 21.67
C GLU A 17 -2.44 -5.83 21.83
N GLY A 18 -2.02 -4.89 22.69
CA GLY A 18 -0.62 -4.74 23.04
C GLY A 18 -0.45 -4.26 24.47
N LYS A 19 0.79 -4.37 24.97
CA LYS A 19 1.11 -3.89 26.31
C LYS A 19 1.18 -2.37 26.33
N LEU A 20 0.67 -1.79 27.41
CA LEU A 20 0.69 -0.35 27.66
C LEU A 20 1.97 0.03 28.43
N VAL A 21 3.06 0.19 27.69
CA VAL A 21 4.37 0.48 28.27
C VAL A 21 4.68 1.96 28.12
N ASN A 22 5.07 2.61 29.22
CA ASN A 22 5.46 4.02 29.18
C ASN A 22 6.94 4.11 28.87
N ALA A 23 7.30 3.65 27.67
CA ALA A 23 8.68 3.65 27.23
C ALA A 23 8.99 4.95 26.50
N ALA A 24 9.83 4.91 25.47
CA ALA A 24 10.09 6.10 24.68
C ALA A 24 8.81 6.78 24.21
N CYS A 25 7.79 5.99 23.93
CA CYS A 25 6.46 6.44 23.59
C CYS A 25 5.44 5.74 24.47
N ALA A 26 4.21 6.21 24.40
CA ALA A 26 3.07 5.56 25.05
C ALA A 26 2.02 5.24 23.99
N VAL A 27 1.65 3.96 23.88
CA VAL A 27 0.70 3.54 22.85
C VAL A 27 -0.69 4.06 23.19
N SER A 28 -1.35 4.68 22.22
CA SER A 28 -2.73 5.11 22.42
C SER A 28 -3.59 3.98 22.96
N THR A 29 -4.44 4.31 23.94
CA THR A 29 -5.35 3.30 24.46
C THR A 29 -6.28 2.80 23.37
N LYS A 30 -6.58 3.64 22.38
CA LYS A 30 -7.39 3.17 21.27
C LYS A 30 -6.64 2.13 20.44
N SER A 31 -5.34 2.32 20.21
CA SER A 31 -4.62 1.38 19.37
C SER A 31 -4.32 0.07 20.08
N ALA A 32 -4.23 0.10 21.40
CA ALA A 32 -3.82 -1.07 22.14
C ALA A 32 -4.95 -2.07 22.35
N ASP A 33 -6.16 -1.74 21.91
CA ASP A 33 -7.31 -2.64 21.98
C ASP A 33 -8.24 -2.22 20.85
N GLN A 34 -8.10 -2.84 19.68
CA GLN A 34 -8.82 -2.41 18.50
C GLN A 34 -9.22 -3.61 17.66
N THR A 35 -10.29 -3.44 16.90
CA THR A 35 -10.83 -4.45 16.02
C THR A 35 -10.88 -3.87 14.61
N VAL A 36 -10.34 -4.62 13.64
CA VAL A 36 -10.28 -4.19 12.26
C VAL A 36 -11.19 -5.10 11.46
N THR A 37 -12.13 -4.49 10.72
CA THR A 37 -13.03 -5.27 9.88
C THR A 37 -12.40 -5.53 8.52
N LEU A 38 -12.34 -6.80 8.13
CA LEU A 38 -11.63 -7.15 6.90
C LEU A 38 -12.52 -7.14 5.68
N GLY A 39 -13.82 -7.16 5.86
CA GLY A 39 -14.76 -7.18 4.76
C GLY A 39 -15.38 -8.56 4.55
N GLN A 40 -16.36 -8.58 3.65
CA GLN A 40 -17.03 -9.78 3.19
C GLN A 40 -16.79 -9.94 1.70
N TYR A 41 -16.46 -11.16 1.28
CA TYR A 41 -16.06 -11.46 -0.10
C TYR A 41 -16.81 -12.68 -0.61
N ARG A 42 -17.12 -12.68 -1.90
CA ARG A 42 -17.74 -13.85 -2.52
C ARG A 42 -16.77 -15.02 -2.49
N THR A 43 -17.16 -16.10 -1.82
CA THR A 43 -16.28 -17.27 -1.68
C THR A 43 -15.84 -17.79 -3.05
N ALA A 44 -16.76 -17.85 -4.02
CA ALA A 44 -16.45 -18.37 -5.34
C ALA A 44 -15.40 -17.55 -6.08
N SER A 45 -15.12 -16.33 -5.64
CA SER A 45 -14.14 -15.52 -6.34
C SER A 45 -12.70 -15.81 -5.92
N PHE A 46 -12.48 -16.60 -4.85
CA PHE A 46 -11.17 -17.18 -4.57
C PHE A 46 -11.00 -18.40 -5.46
N THR A 47 -10.14 -18.31 -6.46
CA THR A 47 -10.02 -19.37 -7.45
C THR A 47 -8.60 -19.91 -7.60
N ALA A 48 -7.62 -19.39 -6.87
CA ALA A 48 -6.27 -19.93 -7.00
C ALA A 48 -5.51 -19.65 -5.73
N ILE A 49 -4.61 -20.58 -5.40
CA ILE A 49 -3.65 -20.36 -4.32
C ILE A 49 -3.00 -19.01 -4.51
N GLY A 50 -2.94 -18.22 -3.42
CA GLY A 50 -2.32 -16.91 -3.46
C GLY A 50 -3.25 -15.77 -3.79
N ASP A 51 -4.50 -16.04 -4.14
CA ASP A 51 -5.45 -14.95 -4.32
C ASP A 51 -5.52 -14.13 -3.03
N THR A 52 -5.62 -12.82 -3.18
CA THR A 52 -5.66 -11.91 -2.04
C THR A 52 -6.81 -10.93 -2.19
N THR A 53 -7.35 -10.51 -1.04
CA THR A 53 -8.39 -9.50 -0.99
C THR A 53 -7.75 -8.13 -0.82
N ALA A 54 -8.57 -7.09 -0.89
CA ALA A 54 -8.08 -5.73 -0.74
C ALA A 54 -7.44 -5.50 0.63
N GLN A 55 -6.36 -4.72 0.64
CA GLN A 55 -5.71 -4.33 1.87
C GLN A 55 -6.59 -3.37 2.68
N VAL A 56 -6.79 -3.71 3.95
CA VAL A 56 -7.57 -2.88 4.89
C VAL A 56 -6.59 -2.14 5.79
N PRO A 57 -6.62 -0.80 5.86
CA PRO A 57 -5.67 -0.06 6.70
C PRO A 57 -6.02 -0.12 8.18
N PHE A 58 -4.97 -0.14 9.02
CA PHE A 58 -5.12 0.11 10.45
C PHE A 58 -3.84 0.77 10.93
N SER A 59 -3.94 1.42 12.10
CA SER A 59 -2.85 2.22 12.60
C SER A 59 -2.53 1.84 14.04
N ILE A 60 -1.28 2.07 14.40
CA ILE A 60 -0.87 2.08 15.80
C ILE A 60 -0.36 3.48 16.07
N VAL A 61 -1.03 4.17 16.99
CA VAL A 61 -0.73 5.57 17.31
C VAL A 61 0.06 5.59 18.60
N LEU A 62 1.19 6.27 18.57
CA LEU A 62 2.08 6.46 19.69
C LEU A 62 1.96 7.90 20.13
N ASN A 63 1.75 8.11 21.42
CA ASN A 63 1.66 9.43 22.02
C ASN A 63 2.92 9.69 22.83
N ASP A 64 3.20 10.99 23.06
CA ASP A 64 4.21 11.45 24.01
C ASP A 64 5.61 10.88 23.72
N CYS A 65 5.94 10.71 22.44
CA CYS A 65 7.22 10.14 22.04
C CYS A 65 8.36 11.11 22.28
N ASP A 66 9.51 10.56 22.68
CA ASP A 66 10.72 11.34 22.89
C ASP A 66 11.86 10.75 22.05
N PRO A 67 12.15 11.32 20.87
CA PRO A 67 13.24 10.79 20.04
C PRO A 67 14.59 10.72 20.75
N LYS A 68 14.78 11.51 21.81
CA LYS A 68 16.03 11.44 22.56
C LYS A 68 16.18 10.11 23.27
N VAL A 69 15.05 9.53 23.70
CA VAL A 69 15.08 8.21 24.33
C VAL A 69 15.30 7.13 23.28
N ALA A 70 14.55 7.19 22.18
CA ALA A 70 14.69 6.21 21.11
C ALA A 70 14.38 6.87 19.78
N ALA A 71 15.28 6.70 18.81
CA ALA A 71 15.14 7.35 17.52
C ALA A 71 14.06 6.69 16.66
N THR A 72 13.81 5.39 16.82
CA THR A 72 12.93 4.67 15.91
C THR A 72 12.00 3.74 16.69
N ALA A 73 10.89 3.40 16.04
CA ALA A 73 9.94 2.40 16.52
C ALA A 73 9.71 1.37 15.43
N ALA A 74 9.44 0.14 15.86
CA ALA A 74 9.00 -0.94 14.98
C ALA A 74 8.03 -1.82 15.78
N VAL A 75 7.31 -2.68 15.05
CA VAL A 75 6.24 -3.52 15.60
C VAL A 75 6.37 -4.94 15.06
N ALA A 76 6.18 -5.91 15.92
CA ALA A 76 6.01 -7.31 15.51
C ALA A 76 4.64 -7.79 15.95
N PHE A 77 4.17 -8.88 15.33
CA PHE A 77 2.84 -9.41 15.59
C PHE A 77 2.92 -10.89 15.92
N SER A 78 2.11 -11.32 16.90
CA SER A 78 2.08 -12.69 17.37
C SER A 78 0.67 -13.22 17.39
N GLY A 79 0.44 -14.37 16.74
CA GLY A 79 -0.83 -15.08 16.81
C GLY A 79 -0.63 -16.52 16.35
N GLN A 80 -1.71 -17.29 16.43
CA GLN A 80 -1.65 -18.69 16.00
C GLN A 80 -1.48 -18.74 14.49
N ALA A 81 -0.43 -19.39 14.03
CA ALA A 81 -0.14 -19.43 12.59
C ALA A 81 -0.95 -20.49 11.86
N ASP A 82 -1.29 -20.16 10.60
CA ASP A 82 -1.89 -21.12 9.67
C ASP A 82 -0.95 -22.30 9.43
N ASN A 83 -1.51 -23.52 9.42
CA ASN A 83 -0.64 -24.70 9.31
C ASN A 83 -0.11 -24.88 7.89
N THR A 84 -0.83 -24.36 6.90
CA THR A 84 -0.40 -24.55 5.51
C THR A 84 0.68 -23.56 5.13
N ASN A 85 0.52 -22.34 5.59
CA ASN A 85 1.48 -21.26 5.34
C ASN A 85 1.70 -20.49 6.65
N THR A 86 2.81 -20.76 7.34
CA THR A 86 2.94 -20.16 8.66
C THR A 86 3.27 -18.67 8.61
N ASN A 87 3.35 -18.07 7.41
CA ASN A 87 3.45 -16.63 7.37
C ASN A 87 2.09 -15.93 7.46
N LEU A 88 1.02 -16.69 7.63
CA LEU A 88 -0.33 -16.17 7.74
C LEU A 88 -0.89 -16.55 9.10
N LEU A 89 -1.82 -15.73 9.60
CA LEU A 89 -2.60 -16.12 10.76
C LEU A 89 -3.72 -17.09 10.39
N ALA A 90 -3.90 -18.13 11.23
CA ALA A 90 -5.04 -19.02 11.16
C ALA A 90 -6.33 -18.30 11.51
N VAL A 91 -7.43 -18.71 10.87
CA VAL A 91 -8.70 -18.02 11.09
C VAL A 91 -9.61 -18.90 11.92
N SER A 92 -10.60 -18.25 12.55
CA SER A 92 -11.51 -18.92 13.49
C SER A 92 -12.88 -18.28 13.38
N SER A 93 -13.86 -18.89 14.04
CA SER A 93 -15.22 -18.41 14.03
C SER A 93 -15.78 -18.39 15.45
N ALA A 94 -16.91 -17.71 15.60
CA ALA A 94 -17.68 -17.79 16.84
C ALA A 94 -18.46 -19.11 16.88
N ASP A 95 -18.95 -19.46 18.07
CA ASP A 95 -19.52 -20.79 18.25
C ASP A 95 -20.78 -20.99 17.40
N ASN A 96 -21.54 -19.92 17.15
CA ASN A 96 -22.78 -20.05 16.38
C ASN A 96 -22.55 -20.03 14.86
N SER A 97 -21.31 -20.12 14.38
CA SER A 97 -21.05 -19.98 12.96
C SER A 97 -19.90 -20.88 12.52
N THR A 98 -19.92 -21.21 11.22
CA THR A 98 -18.93 -22.05 10.57
C THR A 98 -17.71 -21.21 10.21
N THR A 99 -16.55 -21.87 10.22
CA THR A 99 -15.28 -21.25 9.87
C THR A 99 -14.96 -21.46 8.39
N ALA A 100 -14.56 -20.39 7.70
CA ALA A 100 -14.08 -20.53 6.34
C ALA A 100 -12.77 -21.31 6.34
N THR A 101 -12.54 -22.04 5.27
CA THR A 101 -11.30 -22.79 5.08
C THR A 101 -10.66 -22.36 3.77
N GLY A 102 -9.33 -22.52 3.69
CA GLY A 102 -8.60 -22.19 2.49
C GLY A 102 -8.09 -20.77 2.40
N VAL A 103 -8.21 -19.99 3.49
CA VAL A 103 -7.69 -18.64 3.57
C VAL A 103 -6.96 -18.49 4.90
N GLY A 104 -5.97 -17.61 4.91
CA GLY A 104 -5.38 -17.12 6.13
C GLY A 104 -5.34 -15.61 6.07
N ILE A 105 -4.92 -15.00 7.18
CA ILE A 105 -4.85 -13.54 7.28
C ILE A 105 -3.39 -13.10 7.24
N GLU A 106 -3.12 -12.11 6.41
CA GLU A 106 -1.81 -11.52 6.21
C GLU A 106 -1.81 -10.09 6.77
N ILE A 107 -0.73 -9.75 7.46
CA ILE A 107 -0.49 -8.40 7.97
C ILE A 107 0.74 -7.86 7.27
N LEU A 108 0.66 -6.61 6.78
CA LEU A 108 1.75 -5.98 6.04
C LEU A 108 2.10 -4.64 6.67
N ASP A 109 3.38 -4.29 6.67
CA ASP A 109 3.78 -2.97 7.13
C ASP A 109 3.64 -1.95 5.98
N ASN A 110 3.97 -0.68 6.25
CA ASN A 110 3.68 0.37 5.28
C ASN A 110 4.56 0.31 4.06
N THR A 111 5.58 -0.56 4.06
CA THR A 111 6.38 -0.82 2.86
C THR A 111 5.80 -1.94 2.00
N SER A 112 4.60 -2.40 2.35
CA SER A 112 3.91 -3.51 1.69
C SER A 112 4.63 -4.84 1.90
N SER A 113 5.26 -5.02 3.08
CA SER A 113 6.01 -6.23 3.38
C SER A 113 5.23 -7.08 4.39
N PRO A 114 4.86 -8.30 4.04
CA PRO A 114 4.16 -9.14 5.01
C PRO A 114 5.05 -9.41 6.21
N LEU A 115 4.41 -9.53 7.38
CA LEU A 115 5.11 -9.80 8.64
C LEU A 115 4.73 -11.19 9.14
N LYS A 116 5.73 -12.04 9.34
CA LYS A 116 5.47 -13.35 9.90
C LYS A 116 4.90 -13.19 11.31
N PRO A 117 3.77 -13.78 11.62
CA PRO A 117 3.13 -13.52 12.93
C PRO A 117 3.71 -14.33 14.08
N ASP A 118 5.06 -14.33 14.20
CA ASP A 118 5.71 -15.09 15.26
C ASP A 118 6.22 -14.23 16.42
N GLY A 119 5.83 -12.97 16.51
CA GLY A 119 6.24 -12.16 17.66
C GLY A 119 7.67 -11.69 17.63
N ALA A 120 8.40 -11.93 16.54
CA ALA A 120 9.80 -11.57 16.45
C ALA A 120 10.20 -11.10 15.06
N THR A 121 9.24 -10.85 14.18
CA THR A 121 9.51 -10.38 12.84
C THR A 121 8.96 -8.96 12.78
N PHE A 122 9.86 -8.00 12.87
CA PHE A 122 9.49 -6.61 13.09
C PHE A 122 9.36 -5.85 11.77
N SER A 123 8.41 -4.92 11.77
CA SER A 123 8.20 -4.02 10.66
C SER A 123 9.46 -3.20 10.39
N ALA A 124 9.46 -2.54 9.23
CA ALA A 124 10.52 -1.57 8.93
C ALA A 124 10.58 -0.49 10.01
N LYS A 125 11.79 -0.16 10.45
CA LYS A 125 11.96 0.86 11.48
C LYS A 125 11.48 2.20 10.95
N GLN A 126 10.74 2.95 11.79
CA GLN A 126 10.20 4.25 11.44
C GLN A 126 10.76 5.33 12.36
N ALA A 127 11.20 6.44 11.77
CA ALA A 127 11.76 7.54 12.54
C ALA A 127 10.67 8.27 13.31
N LEU A 128 10.92 8.54 14.59
CA LEU A 128 9.95 9.15 15.48
C LEU A 128 10.15 10.65 15.55
N VAL A 129 9.05 11.38 15.63
CA VAL A 129 9.11 12.80 15.95
C VAL A 129 8.53 13.02 17.34
N GLU A 130 8.87 14.18 17.91
CA GLU A 130 8.37 14.54 19.25
C GLU A 130 6.85 14.44 19.27
N GLY A 131 6.32 13.75 20.27
CA GLY A 131 4.88 13.71 20.43
C GLY A 131 4.20 12.58 19.69
N THR A 132 3.09 12.85 19.02
CA THR A 132 2.30 11.79 18.41
C THR A 132 2.91 11.32 17.08
N ASN A 133 2.96 10.00 16.90
CA ASN A 133 3.45 9.35 15.69
C ASN A 133 2.45 8.28 15.27
N THR A 134 2.22 8.17 13.96
CA THR A 134 1.29 7.21 13.40
C THR A 134 2.09 6.14 12.66
N LEU A 135 1.91 4.89 13.08
CA LEU A 135 2.49 3.72 12.39
C LEU A 135 1.38 2.99 11.64
N ARG A 136 1.57 2.82 10.33
CA ARG A 136 0.51 2.38 9.46
C ARG A 136 0.76 0.95 8.99
N PHE A 137 -0.32 0.16 8.91
CA PHE A 137 -0.29 -1.24 8.53
C PHE A 137 -1.50 -1.54 7.64
N THR A 138 -1.49 -2.73 7.03
CA THR A 138 -2.71 -3.23 6.39
C THR A 138 -2.85 -4.71 6.74
N ALA A 139 -4.08 -5.21 6.59
CA ALA A 139 -4.36 -6.63 6.71
C ALA A 139 -5.22 -7.07 5.54
N ARG A 140 -5.13 -8.36 5.17
CA ARG A 140 -5.97 -8.91 4.11
C ARG A 140 -6.03 -10.43 4.24
N TYR A 141 -6.93 -11.04 3.46
CA TYR A 141 -6.93 -12.50 3.32
C TYR A 141 -6.03 -12.93 2.19
N LYS A 142 -5.41 -14.11 2.35
CA LYS A 142 -4.62 -14.77 1.30
C LYS A 142 -5.03 -16.23 1.25
N ALA A 143 -5.41 -16.70 0.07
CA ALA A 143 -5.86 -18.08 -0.08
C ALA A 143 -4.70 -19.05 0.03
N THR A 144 -4.91 -20.12 0.80
CA THR A 144 -3.95 -21.20 0.98
C THR A 144 -4.33 -22.44 0.21
N ALA A 145 -5.49 -22.42 -0.44
CA ALA A 145 -5.98 -23.54 -1.26
C ALA A 145 -6.73 -22.94 -2.42
N ALA A 146 -6.83 -23.70 -3.52
CA ALA A 146 -7.53 -23.18 -4.69
C ALA A 146 -9.04 -23.17 -4.50
N ALA A 147 -9.59 -24.14 -3.76
CA ALA A 147 -11.02 -24.17 -3.45
C ALA A 147 -11.19 -23.84 -1.98
N THR A 148 -11.80 -22.69 -1.70
CA THR A 148 -12.12 -22.27 -0.34
C THR A 148 -13.59 -22.55 -0.01
N THR A 149 -13.92 -22.49 1.29
CA THR A 149 -15.30 -22.68 1.76
C THR A 149 -15.75 -21.47 2.56
N PRO A 150 -17.05 -21.21 2.61
CA PRO A 150 -17.54 -19.97 3.24
C PRO A 150 -17.59 -20.04 4.76
N GLY A 151 -17.69 -18.86 5.36
CA GLY A 151 -17.87 -18.72 6.77
C GLY A 151 -17.12 -17.54 7.34
N GLN A 152 -17.12 -17.48 8.67
CA GLN A 152 -16.37 -16.46 9.37
C GLN A 152 -14.89 -16.80 9.32
N ALA A 153 -14.05 -15.75 9.24
CA ALA A 153 -12.61 -15.89 9.15
C ALA A 153 -12.00 -14.78 10.02
N ASN A 154 -12.00 -15.01 11.33
CA ASN A 154 -11.52 -14.03 12.30
C ASN A 154 -10.16 -14.47 12.86
N ALA A 155 -9.47 -13.51 13.49
CA ALA A 155 -8.25 -13.81 14.21
C ALA A 155 -8.03 -12.84 15.36
N ASP A 156 -7.22 -13.28 16.33
CA ASP A 156 -6.75 -12.46 17.43
C ASP A 156 -5.22 -12.46 17.41
N ALA A 157 -4.63 -11.27 17.56
CA ALA A 157 -3.19 -11.13 17.60
C ALA A 157 -2.77 -10.11 18.64
N THR A 158 -1.52 -10.22 19.05
CA THR A 158 -0.87 -9.26 19.93
C THR A 158 0.19 -8.52 19.12
N PHE A 159 0.38 -7.24 19.41
CA PHE A 159 1.53 -6.57 18.84
C PHE A 159 2.51 -6.16 19.93
N ILE A 160 3.76 -6.10 19.50
CA ILE A 160 4.93 -5.87 20.35
C ILE A 160 5.72 -4.70 19.79
N MET A 161 5.97 -3.70 20.63
CA MET A 161 6.77 -2.54 20.24
C MET A 161 8.26 -2.83 20.44
N LYS A 162 9.06 -2.31 19.53
CA LYS A 162 10.52 -2.31 19.69
C LYS A 162 11.03 -0.89 19.43
N TYR A 163 11.68 -0.30 20.42
CA TYR A 163 12.23 1.04 20.28
C TYR A 163 13.76 0.93 20.24
N GLU A 164 14.37 1.55 19.24
CA GLU A 164 15.82 1.50 19.12
C GLU A 164 16.37 2.86 18.69
N ASP B 2 32.58 29.72 -10.28
CA ASP B 2 31.88 30.60 -11.22
C ASP B 2 30.51 29.99 -11.60
N PRO B 3 30.45 28.80 -12.21
CA PRO B 3 29.15 28.10 -12.28
C PRO B 3 28.47 28.03 -10.92
N THR B 4 27.13 28.10 -10.97
CA THR B 4 26.29 28.19 -9.78
C THR B 4 25.89 26.81 -9.28
N PRO B 5 26.26 26.42 -8.06
CA PRO B 5 25.74 25.14 -7.52
C PRO B 5 24.28 25.30 -7.12
N VAL B 6 23.54 24.18 -7.16
CA VAL B 6 22.11 24.21 -6.82
C VAL B 6 21.73 23.03 -5.93
N SER B 7 20.81 23.29 -4.99
CA SER B 7 20.16 22.22 -4.25
C SER B 7 18.90 21.79 -5.00
N VAL B 8 18.83 20.51 -5.36
CA VAL B 8 17.81 20.00 -6.27
C VAL B 8 17.15 18.78 -5.66
N SER B 9 15.85 18.66 -5.94
CA SER B 9 15.08 17.45 -5.65
C SER B 9 14.51 16.93 -6.97
N GLY B 10 14.63 15.63 -7.18
CA GLY B 10 14.10 15.01 -8.38
C GLY B 10 14.46 13.54 -8.45
N GLY B 11 13.95 12.92 -9.49
CA GLY B 11 14.19 11.51 -9.69
C GLY B 11 13.15 10.92 -10.63
N THR B 12 12.90 9.62 -10.41
CA THR B 12 12.14 8.79 -11.32
C THR B 12 11.14 7.93 -10.56
N ILE B 13 10.11 7.50 -11.29
CA ILE B 13 9.20 6.48 -10.79
C ILE B 13 9.26 5.27 -11.71
N HIS B 14 9.38 4.09 -11.11
CA HIS B 14 9.49 2.83 -11.83
C HIS B 14 8.18 2.08 -11.64
N PHE B 15 7.55 1.74 -12.75
CA PHE B 15 6.26 1.05 -12.77
C PHE B 15 6.45 -0.37 -13.26
N GLU B 16 5.90 -1.34 -12.53
CA GLU B 16 5.74 -2.71 -13.00
C GLU B 16 4.27 -3.11 -12.94
N GLY B 17 3.83 -3.90 -13.89
CA GLY B 17 2.49 -4.46 -13.85
C GLY B 17 2.48 -5.91 -14.29
N LYS B 18 1.39 -6.58 -13.96
CA LYS B 18 1.23 -7.99 -14.32
C LYS B 18 0.94 -8.15 -15.81
N LEU B 19 1.55 -9.17 -16.41
CA LEU B 19 1.31 -9.51 -17.82
C LEU B 19 0.11 -10.46 -17.84
N VAL B 20 -1.08 -9.87 -17.74
CA VAL B 20 -2.33 -10.59 -17.59
C VAL B 20 -2.98 -10.70 -18.96
N ASN B 21 -3.38 -11.91 -19.32
CA ASN B 21 -4.03 -12.16 -20.61
C ASN B 21 -5.55 -12.05 -20.46
N ALA B 22 -6.00 -10.85 -20.12
CA ALA B 22 -7.42 -10.58 -19.96
C ALA B 22 -8.04 -10.11 -21.27
N ALA B 23 -9.03 -9.22 -21.22
CA ALA B 23 -9.56 -8.63 -22.43
C ALA B 23 -8.44 -8.03 -23.28
N CYS B 24 -7.42 -7.50 -22.62
CA CYS B 24 -6.22 -7.00 -23.28
C CYS B 24 -4.99 -7.69 -22.67
N ALA B 25 -3.86 -7.46 -23.32
CA ALA B 25 -2.55 -7.84 -22.82
C ALA B 25 -1.71 -6.59 -22.72
N VAL B 26 -1.13 -6.35 -21.53
CA VAL B 26 -0.32 -5.17 -21.32
C VAL B 26 0.98 -5.28 -22.12
N SER B 27 1.32 -4.22 -22.84
CA SER B 27 2.61 -4.15 -23.52
C SER B 27 3.74 -4.35 -22.53
N THR B 28 4.71 -5.17 -22.92
CA THR B 28 5.87 -5.40 -22.07
C THR B 28 6.64 -4.11 -21.84
N LYS B 29 6.58 -3.17 -22.79
CA LYS B 29 7.23 -1.87 -22.57
C LYS B 29 6.54 -1.09 -21.46
N SER B 30 5.21 -1.13 -21.40
CA SER B 30 4.49 -0.42 -20.36
C SER B 30 4.52 -1.13 -19.01
N ALA B 31 4.71 -2.47 -19.01
CA ALA B 31 4.68 -3.27 -17.80
C ALA B 31 5.98 -3.21 -17.01
N ASP B 32 7.01 -2.57 -17.54
CA ASP B 32 8.28 -2.38 -16.85
C ASP B 32 8.90 -1.11 -17.44
N GLN B 33 8.60 0.04 -16.81
CA GLN B 33 8.96 1.33 -17.37
C GLN B 33 9.39 2.28 -16.26
N THR B 34 10.24 3.24 -16.63
CA THR B 34 10.72 4.27 -15.73
C THR B 34 10.40 5.63 -16.31
N VAL B 35 9.79 6.49 -15.50
CA VAL B 35 9.35 7.83 -15.90
C VAL B 35 10.18 8.84 -15.14
N THR B 36 10.84 9.75 -15.86
CA THR B 36 11.63 10.80 -15.23
C THR B 36 10.73 11.99 -14.91
N LEU B 37 10.77 12.41 -13.64
CA LEU B 37 9.92 13.46 -13.12
C LEU B 37 10.54 14.84 -13.18
N GLY B 38 11.85 14.92 -13.38
CA GLY B 38 12.54 16.19 -13.48
C GLY B 38 13.34 16.52 -12.23
N GLN B 39 14.12 17.60 -12.35
CA GLN B 39 14.87 18.17 -11.25
C GLN B 39 14.33 19.58 -10.99
N TYR B 40 14.12 19.91 -9.72
CA TYR B 40 13.50 21.16 -9.30
C TYR B 40 14.35 21.79 -8.21
N ARG B 41 14.38 23.13 -8.18
CA ARG B 41 15.07 23.83 -7.10
C ARG B 41 14.39 23.54 -5.77
N THR B 42 15.13 22.91 -4.84
CA THR B 42 14.55 22.54 -3.56
C THR B 42 13.97 23.77 -2.85
N ALA B 43 14.70 24.88 -2.89
CA ALA B 43 14.26 26.10 -2.21
C ALA B 43 12.96 26.68 -2.78
N SER B 44 12.53 26.24 -3.96
CA SER B 44 11.28 26.75 -4.53
C SER B 44 10.04 25.99 -4.04
N PHE B 45 10.20 24.88 -3.33
CA PHE B 45 9.10 24.27 -2.54
C PHE B 45 8.96 25.09 -1.27
N THR B 46 7.88 25.86 -1.16
CA THR B 46 7.74 26.83 -0.07
C THR B 46 6.48 26.67 0.76
N ALA B 47 5.63 25.71 0.41
CA ALA B 47 4.42 25.49 1.20
C ALA B 47 3.90 24.07 0.99
N ILE B 48 3.29 23.50 2.03
CA ILE B 48 2.53 22.27 1.88
C ILE B 48 1.58 22.40 0.70
N GLY B 49 1.59 21.39 -0.18
CA GLY B 49 0.72 21.37 -1.34
C GLY B 49 1.33 21.95 -2.61
N ASP B 50 2.51 22.55 -2.54
CA ASP B 50 3.15 23.00 -3.78
C ASP B 50 3.37 21.80 -4.68
N THR B 51 3.18 21.98 -5.99
CA THR B 51 3.22 20.89 -6.95
C THR B 51 4.09 21.26 -8.15
N THR B 52 4.78 20.24 -8.67
CA THR B 52 5.63 20.37 -9.84
C THR B 52 4.85 20.05 -11.12
N ALA B 53 5.49 20.30 -12.26
CA ALA B 53 4.82 20.13 -13.53
C ALA B 53 4.37 18.69 -13.72
N GLN B 54 3.20 18.50 -14.36
CA GLN B 54 2.75 17.16 -14.65
C GLN B 54 3.60 16.52 -15.74
N VAL B 55 4.12 15.32 -15.46
CA VAL B 55 4.93 14.56 -16.42
C VAL B 55 4.07 13.44 -16.99
N PRO B 56 3.84 13.38 -18.29
CA PRO B 56 2.97 12.34 -18.83
C PRO B 56 3.65 10.98 -18.91
N PHE B 57 2.84 9.93 -18.73
CA PHE B 57 3.26 8.58 -19.04
C PHE B 57 2.03 7.80 -19.48
N SER B 58 2.27 6.65 -20.11
CA SER B 58 1.19 5.87 -20.70
C SER B 58 1.30 4.41 -20.31
N ILE B 59 0.15 3.75 -20.36
CA ILE B 59 0.04 2.30 -20.33
C ILE B 59 -0.62 1.88 -21.63
N VAL B 60 0.10 1.09 -22.46
CA VAL B 60 -0.40 0.64 -23.76
C VAL B 60 -0.86 -0.80 -23.65
N LEU B 61 -2.10 -1.06 -24.09
CA LEU B 61 -2.72 -2.37 -24.06
C LEU B 61 -2.81 -2.94 -25.48
N ASN B 62 -2.39 -4.19 -25.64
CA ASN B 62 -2.41 -4.86 -26.94
C ASN B 62 -3.52 -5.90 -27.00
N ASP B 63 -3.93 -6.22 -28.22
CA ASP B 63 -4.82 -7.34 -28.49
C ASP B 63 -6.15 -7.16 -27.74
N CYS B 64 -6.60 -5.91 -27.64
CA CYS B 64 -7.84 -5.65 -26.92
C CYS B 64 -9.03 -6.12 -27.73
N ASP B 65 -9.99 -6.72 -27.03
CA ASP B 65 -11.24 -7.18 -27.64
C ASP B 65 -12.41 -6.57 -26.87
N PRO B 66 -13.00 -5.47 -27.36
CA PRO B 66 -14.15 -4.88 -26.66
C PRO B 66 -15.29 -5.85 -26.39
N LYS B 67 -15.33 -6.97 -27.12
CA LYS B 67 -16.38 -7.97 -26.88
C LYS B 67 -16.24 -8.61 -25.51
N VAL B 68 -15.00 -8.75 -25.02
CA VAL B 68 -14.77 -9.28 -23.68
C VAL B 68 -15.02 -8.21 -22.61
N ALA B 69 -14.53 -6.99 -22.83
CA ALA B 69 -14.73 -5.91 -21.87
C ALA B 69 -14.76 -4.58 -22.61
N ALA B 70 -15.76 -3.76 -22.29
CA ALA B 70 -15.90 -2.46 -22.96
C ALA B 70 -14.84 -1.46 -22.48
N THR B 71 -14.38 -1.58 -21.22
CA THR B 71 -13.54 -0.55 -20.63
C THR B 71 -12.39 -1.14 -19.84
N ALA B 72 -11.36 -0.31 -19.70
CA ALA B 72 -10.21 -0.60 -18.86
C ALA B 72 -10.03 0.55 -17.87
N ALA B 73 -9.53 0.21 -16.68
CA ALA B 73 -9.12 1.18 -15.68
C ALA B 73 -7.88 0.62 -14.98
N VAL B 74 -7.19 1.49 -14.23
CA VAL B 74 -5.90 1.16 -13.64
C VAL B 74 -5.87 1.69 -12.21
N ALA B 75 -5.35 0.87 -11.29
CA ALA B 75 -5.05 1.29 -9.93
C ALA B 75 -3.55 1.16 -9.70
N PHE B 76 -3.04 1.87 -8.68
CA PHE B 76 -1.62 1.93 -8.42
C PHE B 76 -1.38 1.59 -6.97
N SER B 77 -0.31 0.82 -6.71
CA SER B 77 0.04 0.37 -5.37
C SER B 77 1.51 0.67 -5.09
N GLY B 78 1.78 1.34 -3.97
CA GLY B 78 3.13 1.55 -3.49
C GLY B 78 3.10 1.94 -2.03
N GLN B 79 4.29 2.23 -1.49
CA GLN B 79 4.42 2.69 -0.10
C GLN B 79 3.92 4.13 0.01
N ALA B 80 2.94 4.34 0.88
CA ALA B 80 2.35 5.66 1.04
C ALA B 80 3.23 6.55 1.91
N ASP B 81 3.26 7.83 1.56
CA ASP B 81 3.86 8.83 2.44
C ASP B 81 3.17 8.79 3.78
N ASN B 82 3.94 8.89 4.86
CA ASN B 82 3.30 8.62 6.14
C ASN B 82 2.39 9.74 6.59
N THR B 83 2.61 10.95 6.06
CA THR B 83 1.82 12.14 6.40
C THR B 83 0.60 12.31 5.49
N ASN B 84 0.80 12.16 4.18
CA ASN B 84 -0.28 12.32 3.21
C ASN B 84 -0.35 11.00 2.44
N THR B 85 -1.24 10.12 2.87
CA THR B 85 -1.26 8.77 2.34
C THR B 85 -1.85 8.70 0.94
N ASN B 86 -2.28 9.85 0.38
CA ASN B 86 -2.66 9.92 -1.02
C ASN B 86 -1.48 10.16 -1.95
N LEU B 87 -0.27 10.18 -1.40
CA LEU B 87 0.96 10.31 -2.17
C LEU B 87 1.81 9.08 -1.92
N LEU B 88 2.64 8.74 -2.90
CA LEU B 88 3.71 7.76 -2.70
C LEU B 88 4.87 8.37 -1.95
N ALA B 89 5.44 7.60 -1.04
CA ALA B 89 6.68 7.98 -0.39
C ALA B 89 7.84 7.96 -1.38
N VAL B 90 8.81 8.83 -1.17
CA VAL B 90 9.98 8.86 -2.03
C VAL B 90 11.16 8.21 -1.33
N SER B 91 12.13 7.76 -2.14
CA SER B 91 13.29 7.03 -1.65
C SER B 91 14.46 7.33 -2.57
N SER B 92 15.63 6.88 -2.14
CA SER B 92 16.84 7.04 -2.94
C SER B 92 17.58 5.70 -2.97
N ALA B 93 18.52 5.61 -3.92
CA ALA B 93 19.44 4.48 -3.97
C ALA B 93 20.63 4.72 -3.03
N ASP B 94 20.34 4.85 -1.75
CA ASP B 94 21.37 5.14 -0.75
C ASP B 94 22.52 4.14 -0.86
N SER B 96 23.44 7.69 -1.45
CA SER B 96 22.88 8.99 -1.83
C SER B 96 21.80 9.45 -0.84
N THR B 97 21.63 10.77 -0.73
CA THR B 97 20.67 11.32 0.21
C THR B 97 19.28 11.34 -0.39
N THR B 98 18.29 11.10 0.48
CA THR B 98 16.88 11.11 0.08
C THR B 98 16.30 12.49 0.35
N ALA B 99 15.53 13.00 -0.61
CA ALA B 99 14.80 14.22 -0.36
C ALA B 99 13.74 13.99 0.70
N THR B 100 13.42 15.02 1.47
CA THR B 100 12.32 14.94 2.43
C THR B 100 11.35 16.10 2.22
N GLY B 101 10.11 15.89 2.63
CA GLY B 101 9.10 16.91 2.51
C GLY B 101 8.35 16.91 1.21
N VAL B 102 8.53 15.89 0.37
CA VAL B 102 7.78 15.76 -0.86
C VAL B 102 7.31 14.33 -0.97
N GLY B 103 6.16 14.16 -1.63
CA GLY B 103 5.71 12.87 -2.10
C GLY B 103 5.35 12.95 -3.58
N ILE B 104 5.04 11.78 -4.16
CA ILE B 104 4.71 11.68 -5.58
C ILE B 104 3.22 11.39 -5.75
N GLU B 105 2.61 12.17 -6.63
CA GLU B 105 1.19 12.08 -6.96
C GLU B 105 1.03 11.51 -8.36
N ILE B 106 0.05 10.63 -8.52
CA ILE B 106 -0.32 10.07 -9.82
C ILE B 106 -1.73 10.53 -10.14
N LEU B 107 -1.94 10.98 -11.39
CA LEU B 107 -3.24 11.50 -11.81
C LEU B 107 -3.68 10.81 -13.09
N ASP B 108 -4.98 10.58 -13.22
CA ASP B 108 -5.51 10.03 -14.45
C ASP B 108 -5.79 11.17 -15.44
N ASN B 109 -6.32 10.82 -16.61
CA ASN B 109 -6.44 11.77 -17.70
C ASN B 109 -7.50 12.83 -17.45
N THR B 110 -8.30 12.70 -16.37
CA THR B 110 -9.23 13.75 -15.95
C THR B 110 -8.60 14.71 -14.94
N SER B 111 -7.30 14.56 -14.68
CA SER B 111 -6.60 15.36 -13.68
C SER B 111 -7.08 15.05 -12.27
N SER B 112 -7.41 13.78 -12.01
CA SER B 112 -7.85 13.34 -10.67
C SER B 112 -6.77 12.52 -10.00
N PRO B 113 -6.29 12.90 -8.82
CA PRO B 113 -5.30 12.07 -8.12
C PRO B 113 -5.85 10.70 -7.75
N LEU B 114 -4.95 9.74 -7.80
CA LEU B 114 -5.25 8.33 -7.50
C LEU B 114 -4.51 7.93 -6.24
N LYS B 115 -5.26 7.54 -5.22
CA LYS B 115 -4.64 7.04 -4.00
C LYS B 115 -3.85 5.78 -4.32
N PRO B 116 -2.53 5.71 -3.99
CA PRO B 116 -1.70 4.55 -4.35
C PRO B 116 -1.90 3.34 -3.42
N ASP B 117 -3.15 2.96 -3.20
CA ASP B 117 -3.47 1.86 -2.29
C ASP B 117 -3.86 0.59 -3.02
N GLY B 118 -3.66 0.53 -4.33
CA GLY B 118 -3.96 -0.68 -5.09
C GLY B 118 -5.41 -0.97 -5.33
N ALA B 119 -6.31 -0.03 -4.99
CA ALA B 119 -7.73 -0.28 -5.17
C ALA B 119 -8.52 0.98 -5.55
N THR B 120 -7.87 2.07 -5.92
CA THR B 120 -8.51 3.32 -6.31
C THR B 120 -8.23 3.48 -7.80
N PHE B 121 -9.21 3.15 -8.63
CA PHE B 121 -9.01 2.99 -10.06
C PHE B 121 -9.27 4.28 -10.82
N SER B 122 -8.53 4.45 -11.91
CA SER B 122 -8.70 5.60 -12.79
C SER B 122 -10.10 5.60 -13.40
N ALA B 123 -10.46 6.72 -13.99
CA ALA B 123 -11.68 6.80 -14.77
C ALA B 123 -11.65 5.77 -15.89
N LYS B 124 -12.79 5.12 -16.13
CA LYS B 124 -12.90 4.11 -17.17
C LYS B 124 -12.68 4.70 -18.56
N GLN B 125 -11.94 3.96 -19.40
CA GLN B 125 -11.69 4.37 -20.78
C GLN B 125 -12.26 3.32 -21.72
N ALA B 126 -12.95 3.79 -22.76
CA ALA B 126 -13.52 2.90 -23.75
C ALA B 126 -12.45 2.29 -24.64
N LEU B 127 -12.54 0.99 -24.86
CA LEU B 127 -11.57 0.24 -25.64
C LEU B 127 -12.03 0.03 -27.07
N VAL B 128 -11.09 0.13 -28.01
CA VAL B 128 -11.32 -0.28 -29.39
C VAL B 128 -10.50 -1.53 -29.64
N GLU B 129 -10.87 -2.26 -30.69
CA GLU B 129 -10.15 -3.47 -31.05
C GLU B 129 -8.67 -3.16 -31.28
N GLY B 130 -7.80 -3.98 -30.69
CA GLY B 130 -6.37 -3.83 -30.87
C GLY B 130 -5.67 -2.96 -29.83
N THR B 131 -4.77 -2.10 -30.28
CA THR B 131 -3.89 -1.34 -29.38
C THR B 131 -4.63 -0.14 -28.80
N ASN B 132 -4.42 0.10 -27.49
CA ASN B 132 -5.01 1.25 -26.80
C ASN B 132 -3.98 1.94 -25.92
N THR B 133 -3.97 3.27 -25.92
CA THR B 133 -3.06 4.07 -25.10
C THR B 133 -3.85 4.75 -23.99
N LEU B 134 -3.48 4.48 -22.74
CA LEU B 134 -4.06 5.13 -21.56
C LEU B 134 -3.04 6.08 -21.00
N ARG B 135 -3.44 7.34 -20.77
CA ARG B 135 -2.53 8.42 -20.43
C ARG B 135 -2.71 8.84 -18.98
N PHE B 136 -1.58 9.11 -18.33
CA PHE B 136 -1.55 9.54 -16.92
C PHE B 136 -0.50 10.62 -16.79
N THR B 137 -0.46 11.25 -15.62
CA THR B 137 0.67 12.09 -15.27
C THR B 137 1.12 11.79 -13.85
N ALA B 138 2.35 12.22 -13.56
CA ALA B 138 2.89 12.18 -12.22
C ALA B 138 3.56 13.50 -11.91
N ARG B 139 3.62 13.84 -10.62
CA ARG B 139 4.32 15.04 -10.17
C ARG B 139 4.67 14.89 -8.71
N TYR B 140 5.49 15.81 -8.21
CA TYR B 140 5.76 15.93 -6.79
C TYR B 140 4.75 16.86 -6.16
N LYS B 141 4.43 16.58 -4.88
CA LYS B 141 3.60 17.46 -4.08
C LYS B 141 4.25 17.56 -2.71
N ALA B 142 4.47 18.78 -2.24
CA ALA B 142 5.13 18.99 -0.94
C ALA B 142 4.21 18.56 0.20
N THR B 143 4.81 17.85 1.17
CA THR B 143 4.13 17.42 2.38
C THR B 143 4.56 18.24 3.59
N ALA B 144 5.52 19.14 3.40
CA ALA B 144 6.00 20.05 4.43
C ALA B 144 6.41 21.36 3.75
N ALA B 145 6.41 22.46 4.53
CA ALA B 145 6.84 23.75 3.99
C ALA B 145 8.34 23.79 3.80
N ALA B 146 9.08 23.10 4.64
CA ALA B 146 10.53 23.01 4.49
C ALA B 146 10.89 21.63 3.98
N THR B 147 11.33 21.56 2.73
CA THR B 147 11.81 20.31 2.14
C THR B 147 13.35 20.30 2.13
N THR B 148 13.92 19.13 1.88
CA THR B 148 15.37 18.99 1.78
C THR B 148 15.76 18.32 0.47
N PRO B 149 16.97 18.58 -0.02
CA PRO B 149 17.34 18.12 -1.37
C PRO B 149 17.73 16.65 -1.38
N GLY B 150 17.76 16.09 -2.59
CA GLY B 150 18.23 14.74 -2.83
C GLY B 150 17.37 14.02 -3.85
N GLN B 151 17.64 12.72 -3.98
CA GLN B 151 16.83 11.88 -4.87
C GLN B 151 15.45 11.68 -4.26
N ALA B 152 14.48 11.60 -5.15
CA ALA B 152 13.09 11.45 -4.78
C ALA B 152 12.47 10.47 -5.80
N ASN B 153 12.76 9.20 -5.63
CA ASN B 153 12.30 8.12 -6.49
C ASN B 153 11.16 7.35 -5.82
N ALA B 154 10.45 6.57 -6.62
CA ALA B 154 9.45 5.64 -6.09
C ALA B 154 9.34 4.43 -7.02
N ASP B 155 8.88 3.33 -6.42
CA ASP B 155 8.53 2.11 -7.14
C ASP B 155 7.05 1.84 -6.91
N ALA B 156 6.33 1.57 -7.98
CA ALA B 156 4.93 1.26 -7.84
C ALA B 156 4.53 0.18 -8.82
N THR B 157 3.47 -0.52 -8.44
CA THR B 157 2.86 -1.54 -9.28
C THR B 157 1.53 -1.00 -9.73
N PHE B 158 1.13 -1.33 -10.95
CA PHE B 158 -0.21 -1.01 -11.41
C PHE B 158 -1.01 -2.27 -11.67
N ILE B 159 -2.31 -2.14 -11.51
CA ILE B 159 -3.26 -3.24 -11.59
C ILE B 159 -4.34 -2.85 -12.58
N MET B 160 -4.60 -3.72 -13.56
CA MET B 160 -5.63 -3.47 -14.56
C MET B 160 -6.99 -3.95 -14.07
N LYS B 161 -8.04 -3.20 -14.42
CA LYS B 161 -9.43 -3.60 -14.20
C LYS B 161 -10.21 -3.43 -15.49
N TYR B 162 -10.70 -4.54 -16.02
CA TYR B 162 -11.46 -4.56 -17.26
C TYR B 162 -12.93 -4.83 -16.94
N GLU B 163 -13.82 -4.01 -17.50
CA GLU B 163 -15.24 -4.17 -17.27
C GLU B 163 -16.03 -3.92 -18.54
#